data_6SWT
#
_entry.id   6SWT
#
_cell.length_a   46.192
_cell.length_b   48.519
_cell.length_c   146.993
_cell.angle_alpha   90.000
_cell.angle_beta   90.000
_cell.angle_gamma   90.000
#
_symmetry.space_group_name_H-M   'P 21 21 21'
#
loop_
_entity.id
_entity.type
_entity.pdbx_description
1 polymer Alpha-actinin-2
2 polymer 'Affimer 9'
3 water water
#
loop_
_entity_poly.entity_id
_entity_poly.type
_entity_poly.pdbx_seq_one_letter_code
_entity_poly.pdbx_strand_id
1 'polypeptide(L)'
;GPYMIQEEEWDRDLLLDPAWEKQQRKTFTAWCNSHLRKAGTQIENIEEDFRNGLKLMLLLEVISGERLPKPDRGKMRFHK
IANVNKALDYIASKGVKLVSIGAEEIVDGNVKMTLGMIWTIILRFAIQDISVEETSAKEGLLLWCQRKTAPYRNVNIQNF
HTSWKDGLGLCALIHRHRPDLIDYSKLNKDDPIGNINLAMEIAEKHLDIPKMLDAEDIVNTPKPDERAIMTYVSCFYHAF
AGAEQAETAANRIC
;
A
2 'polypeptide(L)'
;SENSLEIEELARFAVDEHNKKENALLEFVRVVKAKEQHQFHMSWTWTMYYLTLEAKDGGKKKLYEAKVWVKHHPAYIADI
NFKELQEFKPV
;
B
#
# COMPACT_ATOMS: atom_id res chain seq x y z
N LEU A 14 -12.45 17.41 -4.22
CA LEU A 14 -11.17 18.13 -4.51
C LEU A 14 -10.92 18.10 -6.02
N LEU A 15 -10.13 19.05 -6.52
CA LEU A 15 -9.60 19.02 -7.92
C LEU A 15 -8.18 19.61 -7.94
N LEU A 16 -7.44 19.27 -9.00
CA LEU A 16 -6.08 19.77 -9.29
C LEU A 16 -5.19 19.61 -8.06
N ASP A 17 -4.48 20.65 -7.64
CA ASP A 17 -3.35 20.52 -6.70
C ASP A 17 -3.80 19.80 -5.41
N PRO A 18 -4.89 20.19 -4.73
CA PRO A 18 -5.32 19.44 -3.55
C PRO A 18 -5.66 17.97 -3.85
N ALA A 19 -6.25 17.66 -5.01
CA ALA A 19 -6.58 16.25 -5.36
C ALA A 19 -5.28 15.45 -5.47
N TRP A 20 -4.28 16.00 -6.15
CA TRP A 20 -2.96 15.34 -6.28
C TRP A 20 -2.28 15.26 -4.90
N GLU A 21 -2.47 16.26 -4.04
CA GLU A 21 -1.86 16.24 -2.69
C GLU A 21 -2.46 15.06 -1.90
N LYS A 22 -3.77 14.84 -2.00
CA LYS A 22 -4.45 13.74 -1.27
C LYS A 22 -3.85 12.42 -1.74
N GLN A 23 -3.66 12.27 -3.04
CA GLN A 23 -3.11 11.03 -3.62
C GLN A 23 -1.66 10.83 -3.17
N GLN A 24 -0.86 11.86 -3.23
CA GLN A 24 0.54 11.74 -2.76
C GLN A 24 0.58 11.41 -1.27
N ARG A 25 -0.26 12.06 -0.47
CA ARG A 25 -0.28 11.75 0.98
C ARG A 25 -0.59 10.27 1.16
N LYS A 26 -1.63 9.75 0.52
CA LYS A 26 -2.01 8.33 0.71
C LYS A 26 -0.86 7.43 0.25
N THR A 27 -0.39 7.62 -0.97
CA THR A 27 0.57 6.67 -1.56
C THR A 27 1.93 6.80 -0.89
N PHE A 28 2.40 8.01 -0.69
CA PHE A 28 3.73 8.17 -0.08
C PHE A 28 3.72 7.65 1.36
N THR A 29 2.63 7.86 2.09
CA THR A 29 2.53 7.32 3.47
C THR A 29 2.61 5.79 3.41
N ALA A 30 1.84 5.19 2.51
CA ALA A 30 1.82 3.73 2.41
C ALA A 30 3.19 3.20 1.98
N TRP A 31 3.87 3.89 1.07
CA TRP A 31 5.21 3.46 0.63
C TRP A 31 6.18 3.54 1.80
N CYS A 32 6.17 4.64 2.50
CA CYS A 32 7.06 4.77 3.68
C CYS A 32 6.77 3.64 4.67
N ASN A 33 5.51 3.36 4.91
CA ASN A 33 5.09 2.31 5.87
C ASN A 33 5.52 0.93 5.39
N SER A 34 5.57 0.70 4.08
CA SER A 34 6.00 -0.60 3.53
C SER A 34 7.46 -0.88 3.87
N HIS A 35 8.24 0.16 4.13
CA HIS A 35 9.64 0.03 4.57
C HIS A 35 9.73 0.09 6.10
N LEU A 36 9.06 1.04 6.72
CA LEU A 36 9.20 1.24 8.18
C LEU A 36 8.72 0.01 8.93
N ARG A 37 7.76 -0.74 8.38
CA ARG A 37 7.26 -1.97 9.06
C ARG A 37 8.45 -2.91 9.34
N LYS A 38 9.47 -2.93 8.48
CA LYS A 38 10.65 -3.83 8.60
C LYS A 38 11.46 -3.48 9.85
N ALA A 39 11.35 -2.22 10.28
CA ALA A 39 12.07 -1.70 11.46
C ALA A 39 11.12 -1.63 12.65
N GLY A 40 9.93 -2.23 12.53
CA GLY A 40 8.96 -2.37 13.64
C GLY A 40 8.23 -1.10 13.97
N THR A 41 8.02 -0.21 12.99
CA THR A 41 7.27 1.04 13.25
C THR A 41 6.50 1.45 12.01
N GLN A 42 5.70 2.50 12.16
CA GLN A 42 4.84 3.06 11.11
C GLN A 42 4.71 4.56 11.35
N ILE A 43 4.31 5.28 10.32
CA ILE A 43 3.77 6.66 10.44
C ILE A 43 2.27 6.60 10.13
N GLU A 44 1.57 7.67 10.48
CA GLU A 44 0.13 7.80 10.21
C GLU A 44 -0.14 9.07 9.42
N ASN A 45 0.42 10.18 9.89
CA ASN A 45 0.14 11.53 9.35
C ASN A 45 1.45 12.07 8.81
N ILE A 46 1.65 12.02 7.49
CA ILE A 46 2.94 12.38 6.86
C ILE A 46 3.22 13.87 7.06
N GLU A 47 2.20 14.70 7.33
CA GLU A 47 2.38 16.15 7.59
C GLU A 47 3.00 16.40 8.97
N GLU A 48 2.95 15.41 9.87
CA GLU A 48 3.40 15.53 11.27
C GLU A 48 4.57 14.60 11.58
N ASP A 49 4.57 13.39 11.04
CA ASP A 49 5.28 12.25 11.66
C ASP A 49 6.74 12.18 11.20
N PHE A 50 7.17 13.08 10.31
CA PHE A 50 8.61 13.23 9.97
C PHE A 50 9.20 14.54 10.53
N ARG A 51 8.41 15.36 11.21
CA ARG A 51 8.85 16.70 11.68
C ARG A 51 10.06 16.58 12.62
N ASN A 52 10.16 15.51 13.41
CA ASN A 52 11.27 15.38 14.39
C ASN A 52 12.47 14.66 13.77
N GLY A 53 12.36 14.21 12.53
CA GLY A 53 13.46 13.59 11.78
C GLY A 53 13.72 12.13 12.15
N LEU A 54 13.14 11.61 13.24
CA LEU A 54 13.53 10.26 13.74
C LEU A 54 13.16 9.18 12.74
N LYS A 55 11.91 9.17 12.29
CA LYS A 55 11.45 8.10 11.37
C LYS A 55 11.93 8.38 9.96
N LEU A 56 12.33 9.60 9.66
CA LEU A 56 12.96 9.92 8.37
C LEU A 56 14.35 9.27 8.30
N MET A 57 15.15 9.43 9.35
CA MET A 57 16.47 8.78 9.39
C MET A 57 16.29 7.27 9.33
N LEU A 58 15.31 6.72 10.05
CA LEU A 58 15.10 5.25 10.07
C LEU A 58 14.68 4.78 8.67
N LEU A 59 13.76 5.49 8.03
CA LEU A 59 13.34 5.13 6.65
C LEU A 59 14.56 5.05 5.74
N LEU A 60 15.46 6.01 5.83
CA LEU A 60 16.66 6.03 4.97
C LEU A 60 17.55 4.84 5.29
N GLU A 61 17.71 4.47 6.56
CA GLU A 61 18.49 3.25 6.90
C GLU A 61 17.84 2.02 6.26
N VAL A 62 16.52 1.90 6.36
CA VAL A 62 15.84 0.67 5.87
C VAL A 62 16.03 0.58 4.36
N ILE A 63 15.78 1.66 3.63
CA ILE A 63 15.78 1.56 2.15
C ILE A 63 17.20 1.49 1.60
N SER A 64 18.21 2.01 2.31
CA SER A 64 19.62 2.04 1.83
C SER A 64 20.41 0.83 2.32
N GLY A 65 20.02 0.25 3.46
CA GLY A 65 20.82 -0.78 4.17
C GLY A 65 22.07 -0.18 4.79
N GLU A 66 22.15 1.15 4.86
CA GLU A 66 23.32 1.87 5.42
C GLU A 66 22.94 2.45 6.77
N ARG A 67 23.95 2.77 7.56
CA ARG A 67 23.79 3.31 8.92
C ARG A 67 23.92 4.83 8.86
N LEU A 68 22.97 5.54 9.45
CA LEU A 68 23.04 7.02 9.57
C LEU A 68 23.51 7.37 10.97
N PRO A 69 23.92 8.64 11.21
CA PRO A 69 24.30 9.07 12.55
C PRO A 69 23.19 8.85 13.58
N LYS A 70 23.55 8.84 14.85
CA LYS A 70 22.61 8.60 15.98
C LYS A 70 21.55 9.70 15.95
N PRO A 71 20.25 9.32 15.97
CA PRO A 71 19.16 10.30 16.09
C PRO A 71 19.19 10.95 17.47
N ASP A 72 18.77 12.21 17.53
CA ASP A 72 18.60 12.96 18.81
C ASP A 72 17.13 12.93 19.19
N ARG A 73 16.80 12.37 20.36
CA ARG A 73 15.40 12.26 20.86
C ARG A 73 15.02 13.53 21.64
N GLY A 74 15.87 14.56 21.66
CA GLY A 74 15.58 15.85 22.28
C GLY A 74 14.32 16.48 21.71
N LYS A 75 13.56 17.21 22.52
CA LYS A 75 12.18 17.68 22.20
C LYS A 75 12.20 19.07 21.57
N MET A 76 13.36 19.74 21.53
CA MET A 76 13.45 21.15 21.08
C MET A 76 13.57 21.21 19.56
N ARG A 77 13.11 22.30 18.96
CA ARG A 77 13.16 22.54 17.50
C ARG A 77 14.59 22.32 17.00
N PHE A 78 15.63 22.79 17.71
CA PHE A 78 17.01 22.67 17.18
C PHE A 78 17.45 21.19 17.13
N HIS A 79 16.97 20.33 18.03
CA HIS A 79 17.30 18.89 17.99
C HIS A 79 16.73 18.31 16.70
N LYS A 80 15.50 18.71 16.37
CA LYS A 80 14.74 18.15 15.23
C LYS A 80 15.39 18.64 13.93
N ILE A 81 15.78 19.92 13.87
CA ILE A 81 16.51 20.46 12.70
C ILE A 81 17.82 19.69 12.52
N ALA A 82 18.53 19.37 13.60
CA ALA A 82 19.78 18.58 13.52
C ALA A 82 19.48 17.20 12.91
N ASN A 83 18.39 16.56 13.34
CA ASN A 83 18.02 15.22 12.81
C ASN A 83 17.71 15.33 11.32
N VAL A 84 16.88 16.29 10.95
CA VAL A 84 16.48 16.43 9.52
C VAL A 84 17.72 16.77 8.69
N ASN A 85 18.61 17.61 9.20
CA ASN A 85 19.88 17.89 8.48
C ASN A 85 20.71 16.61 8.30
N LYS A 86 20.73 15.71 9.28
CA LYS A 86 21.43 14.41 9.11
C LYS A 86 20.80 13.64 7.95
N ALA A 87 19.47 13.63 7.89
CA ALA A 87 18.75 12.95 6.79
C ALA A 87 19.10 13.59 5.44
N LEU A 88 19.02 14.92 5.36
CA LEU A 88 19.28 15.64 4.08
C LEU A 88 20.75 15.48 3.69
N ASP A 89 21.67 15.55 4.65
CA ASP A 89 23.12 15.31 4.37
C ASP A 89 23.30 13.91 3.78
N TYR A 90 22.61 12.92 4.35
CA TYR A 90 22.73 11.53 3.86
C TYR A 90 22.21 11.45 2.42
N ILE A 91 21.04 12.01 2.16
CA ILE A 91 20.42 11.99 0.80
C ILE A 91 21.38 12.68 -0.17
N ALA A 92 21.95 13.84 0.20
CA ALA A 92 22.90 14.57 -0.67
C ALA A 92 24.12 13.69 -0.96
N SER A 93 24.56 12.90 0.02
CA SER A 93 25.74 12.00 -0.09
C SER A 93 25.49 10.90 -1.14
N LYS A 94 24.21 10.62 -1.47
CA LYS A 94 23.83 9.58 -2.45
C LYS A 94 23.61 10.21 -3.83
N GLY A 95 24.12 11.42 -4.04
CA GLY A 95 24.22 12.08 -5.36
C GLY A 95 22.98 12.87 -5.70
N VAL A 96 22.09 13.08 -4.73
CA VAL A 96 20.80 13.81 -4.91
C VAL A 96 21.06 15.31 -4.78
N LYS A 97 20.70 16.09 -5.79
CA LYS A 97 20.78 17.57 -5.78
C LYS A 97 19.46 18.10 -5.22
N LEU A 98 19.45 18.44 -3.93
CA LEU A 98 18.24 18.93 -3.20
C LEU A 98 17.99 20.38 -3.58
N VAL A 99 16.88 20.64 -4.27
CA VAL A 99 16.40 22.00 -4.65
C VAL A 99 15.15 22.31 -3.81
N SER A 100 15.11 23.49 -3.20
CA SER A 100 13.95 24.03 -2.45
C SER A 100 13.54 23.07 -1.32
N ILE A 101 14.52 22.43 -0.66
CA ILE A 101 14.29 21.60 0.56
C ILE A 101 15.26 22.10 1.65
N GLY A 102 14.71 22.54 2.78
CA GLY A 102 15.46 22.97 3.98
C GLY A 102 14.96 22.25 5.22
N ALA A 103 15.85 21.97 6.17
CA ALA A 103 15.51 21.20 7.41
C ALA A 103 14.45 21.97 8.21
N GLU A 104 14.58 23.29 8.32
CA GLU A 104 13.66 24.10 9.16
C GLU A 104 12.23 23.91 8.66
N GLU A 105 12.03 23.93 7.34
CA GLU A 105 10.67 23.86 6.72
C GLU A 105 10.09 22.46 6.97
N ILE A 106 10.91 21.41 6.95
CA ILE A 106 10.45 20.04 7.27
C ILE A 106 10.03 19.98 8.74
N VAL A 107 10.87 20.50 9.61
CA VAL A 107 10.59 20.47 11.07
C VAL A 107 9.34 21.32 11.36
N ASP A 108 9.12 22.39 10.58
CA ASP A 108 7.98 23.33 10.75
C ASP A 108 6.75 22.80 10.01
N GLY A 109 6.82 21.63 9.37
CA GLY A 109 5.63 20.90 8.88
C GLY A 109 5.13 21.44 7.54
N ASN A 110 6.03 21.89 6.68
CA ASN A 110 5.72 22.33 5.29
C ASN A 110 5.29 21.07 4.51
N VAL A 111 3.99 20.90 4.28
CA VAL A 111 3.44 19.64 3.70
C VAL A 111 4.04 19.45 2.30
N LYS A 112 3.99 20.48 1.45
CA LYS A 112 4.44 20.36 0.04
C LYS A 112 5.92 20.01 0.03
N MET A 113 6.73 20.62 0.88
CA MET A 113 8.18 20.34 0.90
C MET A 113 8.41 18.94 1.45
N THR A 114 7.63 18.50 2.44
CA THR A 114 7.74 17.14 3.01
C THR A 114 7.42 16.12 1.91
N LEU A 115 6.31 16.32 1.20
CA LEU A 115 5.96 15.41 0.08
C LEU A 115 7.05 15.46 -0.98
N GLY A 116 7.59 16.63 -1.31
CA GLY A 116 8.66 16.72 -2.31
C GLY A 116 9.89 15.96 -1.86
N MET A 117 10.22 16.06 -0.59
CA MET A 117 11.39 15.33 -0.02
C MET A 117 11.14 13.83 -0.09
N ILE A 118 9.95 13.38 0.27
CA ILE A 118 9.67 11.92 0.20
C ILE A 118 9.70 11.46 -1.26
N TRP A 119 9.16 12.26 -2.18
CA TRP A 119 9.28 11.92 -3.61
C TRP A 119 10.75 11.80 -4.01
N THR A 120 11.61 12.74 -3.61
CA THR A 120 13.05 12.69 -3.97
CA THR A 120 13.05 12.71 -3.94
C THR A 120 13.63 11.37 -3.46
N ILE A 121 13.22 10.93 -2.29
CA ILE A 121 13.70 9.65 -1.69
C ILE A 121 13.18 8.45 -2.50
N ILE A 122 11.90 8.44 -2.83
CA ILE A 122 11.32 7.36 -3.67
C ILE A 122 12.06 7.31 -5.00
N LEU A 123 12.21 8.45 -5.65
CA LEU A 123 12.90 8.49 -6.95
C LEU A 123 14.32 7.93 -6.79
N ARG A 124 15.08 8.40 -5.82
CA ARG A 124 16.49 7.98 -5.69
C ARG A 124 16.58 6.49 -5.39
N PHE A 125 15.76 5.97 -4.48
CA PHE A 125 15.99 4.62 -3.91
C PHE A 125 15.11 3.54 -4.56
N ALA A 126 14.03 3.92 -5.23
CA ALA A 126 13.10 2.93 -5.85
C ALA A 126 13.13 3.02 -7.37
N ILE A 127 13.55 4.14 -7.97
CA ILE A 127 13.36 4.29 -9.45
C ILE A 127 14.68 4.57 -10.16
N GLN A 128 15.56 5.38 -9.59
CA GLN A 128 16.73 5.91 -10.34
CA GLN A 128 16.74 5.91 -10.33
C GLN A 128 17.59 4.77 -10.91
N ASP A 129 17.80 3.70 -10.14
CA ASP A 129 18.76 2.64 -10.55
C ASP A 129 18.09 1.62 -11.47
N ILE A 130 16.80 1.76 -11.77
CA ILE A 130 16.14 0.87 -12.76
C ILE A 130 16.87 1.01 -14.09
N SER A 131 17.17 -0.12 -14.71
CA SER A 131 17.81 -0.17 -16.04
C SER A 131 17.13 -1.29 -16.83
N VAL A 132 16.46 -0.92 -17.90
CA VAL A 132 15.72 -1.86 -18.76
C VAL A 132 16.09 -1.53 -20.21
N GLU A 133 16.68 -2.48 -20.93
CA GLU A 133 17.08 -2.27 -22.33
C GLU A 133 17.85 -0.95 -22.45
N GLU A 134 18.80 -0.74 -21.55
CA GLU A 134 19.73 0.42 -21.57
C GLU A 134 18.98 1.74 -21.33
N THR A 135 17.77 1.69 -20.77
CA THR A 135 16.89 2.85 -20.50
C THR A 135 16.72 2.95 -18.99
N SER A 136 17.00 4.12 -18.41
CA SER A 136 17.18 4.30 -16.96
CA SER A 136 17.18 4.30 -16.96
C SER A 136 15.96 4.93 -16.29
N ALA A 137 15.81 4.69 -15.00
CA ALA A 137 14.97 5.50 -14.10
C ALA A 137 13.53 5.52 -14.63
N LYS A 138 12.87 6.67 -14.62
CA LYS A 138 11.42 6.75 -14.94
C LYS A 138 11.18 6.17 -16.33
N GLU A 139 12.04 6.50 -17.29
CA GLU A 139 11.84 6.07 -18.69
C GLU A 139 12.05 4.56 -18.77
N GLY A 140 13.02 4.02 -18.03
CA GLY A 140 13.21 2.55 -17.97
C GLY A 140 11.99 1.86 -17.37
N LEU A 141 11.43 2.42 -16.31
CA LEU A 141 10.24 1.83 -15.69
C LEU A 141 9.08 1.88 -16.70
N LEU A 142 8.92 2.99 -17.40
CA LEU A 142 7.82 3.09 -18.38
C LEU A 142 8.04 2.06 -19.50
N LEU A 143 9.26 1.95 -20.01
CA LEU A 143 9.56 0.98 -21.08
C LEU A 143 9.23 -0.43 -20.57
N TRP A 144 9.65 -0.75 -19.35
CA TRP A 144 9.35 -2.09 -18.77
C TRP A 144 7.84 -2.31 -18.77
N CYS A 145 7.08 -1.34 -18.32
CA CYS A 145 5.60 -1.48 -18.27
C CYS A 145 5.06 -1.71 -19.69
N GLN A 146 5.58 -0.99 -20.65
CA GLN A 146 5.12 -1.13 -22.07
C GLN A 146 5.46 -2.52 -22.57
N ARG A 147 6.68 -2.99 -22.33
CA ARG A 147 7.09 -4.34 -22.78
C ARG A 147 6.20 -5.39 -22.12
N LYS A 148 6.00 -5.31 -20.82
CA LYS A 148 5.30 -6.39 -20.11
C LYS A 148 3.84 -6.42 -20.54
N THR A 149 3.25 -5.27 -20.83
CA THR A 149 1.80 -5.20 -21.13
C THR A 149 1.54 -5.20 -22.64
N ALA A 150 2.56 -5.28 -23.48
CA ALA A 150 2.42 -5.13 -24.94
C ALA A 150 1.33 -6.05 -25.47
N PRO A 151 1.24 -7.34 -25.10
CA PRO A 151 0.26 -8.21 -25.76
C PRO A 151 -1.18 -8.06 -25.29
N TYR A 152 -1.42 -7.27 -24.25
CA TYR A 152 -2.76 -7.07 -23.67
C TYR A 152 -3.41 -5.92 -24.42
N ARG A 153 -4.30 -6.25 -25.35
CA ARG A 153 -4.83 -5.26 -26.30
C ARG A 153 -5.73 -4.24 -25.61
N ASN A 154 -6.25 -4.55 -24.42
CA ASN A 154 -7.12 -3.63 -23.67
C ASN A 154 -6.30 -2.75 -22.71
N VAL A 155 -4.98 -2.78 -22.85
CA VAL A 155 -4.03 -1.91 -22.10
C VAL A 155 -3.25 -1.08 -23.09
N ASN A 156 -2.96 0.15 -22.72
CA ASN A 156 -2.11 1.02 -23.57
C ASN A 156 -1.32 1.93 -22.67
N ILE A 157 -0.17 1.47 -22.22
CA ILE A 157 0.63 2.26 -21.26
C ILE A 157 1.39 3.34 -22.04
N GLN A 158 0.97 4.58 -21.86
CA GLN A 158 1.60 5.74 -22.51
C GLN A 158 2.21 6.69 -21.50
N ASN A 159 1.87 6.52 -20.23
CA ASN A 159 2.20 7.51 -19.19
C ASN A 159 2.05 6.83 -17.84
N PHE A 160 2.30 7.60 -16.78
CA PHE A 160 2.11 7.15 -15.40
C PHE A 160 0.90 7.83 -14.78
N HIS A 161 -0.15 8.06 -15.57
CA HIS A 161 -1.37 8.71 -15.03
C HIS A 161 -2.60 8.08 -15.70
N THR A 162 -3.16 8.67 -16.74
CA THR A 162 -4.43 8.17 -17.31
C THR A 162 -4.31 6.73 -17.79
N SER A 163 -3.12 6.26 -18.19
CA SER A 163 -3.00 4.89 -18.70
C SER A 163 -3.32 3.84 -17.63
N TRP A 164 -3.31 4.24 -16.35
CA TRP A 164 -3.47 3.28 -15.23
C TRP A 164 -4.85 3.37 -14.59
N LYS A 165 -5.69 4.29 -15.03
CA LYS A 165 -6.96 4.61 -14.33
C LYS A 165 -7.96 3.48 -14.33
N ASP A 166 -7.95 2.59 -15.33
CA ASP A 166 -9.00 1.55 -15.38
C ASP A 166 -8.53 0.26 -14.71
N GLY A 167 -7.34 0.24 -14.13
CA GLY A 167 -6.86 -0.93 -13.37
C GLY A 167 -6.35 -2.06 -14.24
N LEU A 168 -6.58 -2.03 -15.55
CA LEU A 168 -6.16 -3.18 -16.38
C LEU A 168 -4.65 -3.27 -16.48
N GLY A 169 -3.94 -2.15 -16.57
CA GLY A 169 -2.48 -2.19 -16.61
C GLY A 169 -1.92 -2.90 -15.39
N LEU A 170 -2.41 -2.57 -14.20
CA LEU A 170 -1.93 -3.23 -12.98
C LEU A 170 -2.26 -4.72 -13.03
N CYS A 171 -3.48 -5.06 -13.42
CA CYS A 171 -3.90 -6.48 -13.48
C CYS A 171 -3.06 -7.22 -14.52
N ALA A 172 -2.70 -6.57 -15.63
CA ALA A 172 -1.90 -7.21 -16.69
C ALA A 172 -0.49 -7.44 -16.18
N LEU A 173 0.08 -6.50 -15.43
CA LEU A 173 1.43 -6.75 -14.85
C LEU A 173 1.38 -8.00 -13.99
N ILE A 174 0.32 -8.17 -13.20
CA ILE A 174 0.20 -9.36 -12.34
C ILE A 174 0.05 -10.61 -13.23
N HIS A 175 -0.86 -10.58 -14.19
CA HIS A 175 -1.08 -11.78 -15.03
C HIS A 175 0.21 -12.15 -15.75
N ARG A 176 0.95 -11.15 -16.25
CA ARG A 176 2.13 -11.39 -17.08
C ARG A 176 3.14 -12.24 -16.31
N HIS A 177 3.26 -12.01 -15.01
CA HIS A 177 4.30 -12.64 -14.17
C HIS A 177 3.73 -13.80 -13.36
N ARG A 178 2.48 -13.70 -12.94
CA ARG A 178 1.86 -14.60 -11.94
C ARG A 178 0.47 -14.98 -12.42
N PRO A 179 0.37 -15.73 -13.52
CA PRO A 179 -0.95 -16.14 -14.02
C PRO A 179 -1.65 -17.14 -13.11
N ASP A 180 -0.94 -17.68 -12.11
CA ASP A 180 -1.53 -18.51 -11.04
C ASP A 180 -2.45 -17.68 -10.15
N LEU A 181 -2.33 -16.35 -10.16
CA LEU A 181 -3.11 -15.50 -9.23
C LEU A 181 -4.39 -14.97 -9.85
N ILE A 182 -4.40 -14.77 -11.17
CA ILE A 182 -5.44 -13.94 -11.83
C ILE A 182 -5.80 -14.53 -13.18
N ASP A 183 -7.10 -14.60 -13.44
CA ASP A 183 -7.66 -14.96 -14.76
C ASP A 183 -7.99 -13.65 -15.45
N TYR A 184 -7.05 -13.16 -16.26
CA TYR A 184 -7.18 -11.85 -16.92
C TYR A 184 -8.38 -11.82 -17.86
N SER A 185 -8.80 -12.97 -18.38
CA SER A 185 -9.91 -13.05 -19.36
C SER A 185 -11.22 -12.54 -18.76
N LYS A 186 -11.35 -12.48 -17.45
CA LYS A 186 -12.62 -12.08 -16.79
C LYS A 186 -12.72 -10.57 -16.68
N LEU A 187 -11.68 -9.83 -17.06
CA LEU A 187 -11.61 -8.37 -16.83
C LEU A 187 -12.00 -7.59 -18.08
N ASN A 188 -12.52 -6.40 -17.86
CA ASN A 188 -12.76 -5.42 -18.94
C ASN A 188 -12.76 -4.02 -18.33
N LYS A 189 -12.93 -3.00 -19.15
CA LYS A 189 -12.72 -1.60 -18.73
C LYS A 189 -13.93 -1.08 -17.96
N ASP A 190 -15.04 -1.82 -17.87
CA ASP A 190 -16.32 -1.27 -17.36
C ASP A 190 -16.27 -1.03 -15.85
N ASP A 191 -15.38 -1.69 -15.12
CA ASP A 191 -15.33 -1.65 -13.64
C ASP A 191 -13.94 -1.18 -13.21
N PRO A 192 -13.55 0.08 -13.50
CA PRO A 192 -12.19 0.53 -13.18
C PRO A 192 -11.89 0.46 -11.68
N ILE A 193 -12.83 0.86 -10.85
CA ILE A 193 -12.62 0.82 -9.38
C ILE A 193 -12.40 -0.64 -8.95
N GLY A 194 -13.23 -1.55 -9.42
CA GLY A 194 -13.10 -2.96 -9.05
C GLY A 194 -11.77 -3.51 -9.53
N ASN A 195 -11.33 -3.11 -10.72
CA ASN A 195 -10.08 -3.64 -11.28
C ASN A 195 -8.89 -3.16 -10.44
N ILE A 196 -8.85 -1.88 -10.09
CA ILE A 196 -7.74 -1.39 -9.24
C ILE A 196 -7.78 -2.14 -7.91
N ASN A 197 -8.96 -2.26 -7.31
CA ASN A 197 -9.05 -2.97 -6.01
C ASN A 197 -8.58 -4.42 -6.16
N LEU A 198 -8.91 -5.10 -7.25
CA LEU A 198 -8.43 -6.48 -7.45
C LEU A 198 -6.91 -6.51 -7.49
N ALA A 199 -6.30 -5.66 -8.29
CA ALA A 199 -4.83 -5.66 -8.38
C ALA A 199 -4.26 -5.43 -6.97
N MET A 200 -4.81 -4.47 -6.25
CA MET A 200 -4.22 -4.11 -4.94
C MET A 200 -4.43 -5.26 -3.94
N GLU A 201 -5.59 -5.90 -3.96
CA GLU A 201 -5.86 -7.01 -3.02
C GLU A 201 -4.93 -8.18 -3.33
N ILE A 202 -4.76 -8.51 -4.60
CA ILE A 202 -3.83 -9.61 -4.98
C ILE A 202 -2.43 -9.24 -4.54
N ALA A 203 -1.99 -8.03 -4.84
CA ALA A 203 -0.60 -7.67 -4.57
C ALA A 203 -0.34 -7.65 -3.06
N GLU A 204 -1.29 -7.20 -2.26
CA GLU A 204 -1.10 -7.14 -0.79
C GLU A 204 -1.00 -8.57 -0.25
N LYS A 205 -1.86 -9.47 -0.69
CA LYS A 205 -1.93 -10.84 -0.14
C LYS A 205 -0.77 -11.70 -0.65
N HIS A 206 -0.38 -11.55 -1.91
CA HIS A 206 0.51 -12.52 -2.59
C HIS A 206 1.87 -11.95 -2.95
N LEU A 207 2.02 -10.63 -3.05
CA LEU A 207 3.27 -10.03 -3.59
C LEU A 207 3.96 -9.16 -2.55
N ASP A 208 3.40 -9.13 -1.34
CA ASP A 208 3.90 -8.31 -0.21
C ASP A 208 4.01 -6.83 -0.62
N ILE A 209 3.05 -6.37 -1.41
CA ILE A 209 2.97 -4.93 -1.77
C ILE A 209 1.72 -4.37 -1.10
N PRO A 210 1.88 -3.54 -0.06
CA PRO A 210 0.70 -2.95 0.57
C PRO A 210 -0.14 -2.12 -0.42
N LYS A 211 -1.41 -1.98 -0.12
CA LYS A 211 -2.32 -1.17 -0.95
C LYS A 211 -1.85 0.27 -0.82
N MET A 212 -1.59 0.94 -1.93
CA MET A 212 -1.09 2.33 -1.85
C MET A 212 -1.99 3.34 -2.58
N LEU A 213 -3.01 2.89 -3.28
CA LEU A 213 -3.92 3.81 -4.01
C LEU A 213 -5.30 3.78 -3.37
N ASP A 214 -6.04 4.86 -3.53
CA ASP A 214 -7.51 4.91 -3.29
C ASP A 214 -8.16 4.79 -4.67
N ALA A 215 -8.73 3.63 -4.98
CA ALA A 215 -9.25 3.38 -6.33
C ALA A 215 -10.26 4.45 -6.74
N GLU A 216 -11.17 4.84 -5.85
CA GLU A 216 -12.21 5.85 -6.18
C GLU A 216 -11.52 7.15 -6.59
N ASP A 217 -10.50 7.57 -5.86
CA ASP A 217 -9.81 8.86 -6.12
C ASP A 217 -9.11 8.79 -7.49
N ILE A 218 -8.50 7.65 -7.82
CA ILE A 218 -7.80 7.48 -9.12
C ILE A 218 -8.81 7.58 -10.26
N VAL A 219 -9.94 6.90 -10.10
CA VAL A 219 -10.92 6.76 -11.21
C VAL A 219 -11.62 8.10 -11.41
N ASN A 220 -11.84 8.86 -10.33
CA ASN A 220 -12.71 10.06 -10.36
C ASN A 220 -11.88 11.32 -10.68
N THR A 221 -10.55 11.24 -10.76
CA THR A 221 -9.68 12.40 -11.10
CA THR A 221 -9.63 12.36 -11.10
C THR A 221 -9.34 12.33 -12.60
N PRO A 222 -9.63 13.39 -13.42
CA PRO A 222 -9.38 13.24 -14.86
C PRO A 222 -7.94 12.79 -15.15
N LYS A 223 -7.00 13.38 -14.43
CA LYS A 223 -5.58 13.01 -14.53
C LYS A 223 -5.09 12.71 -13.13
N PRO A 224 -4.87 11.44 -12.76
CA PRO A 224 -4.37 11.14 -11.42
C PRO A 224 -2.92 11.59 -11.25
N ASP A 225 -2.48 11.64 -9.99
CA ASP A 225 -1.10 12.06 -9.68
C ASP A 225 -0.11 11.02 -10.19
N GLU A 226 0.83 11.44 -11.03
CA GLU A 226 1.79 10.49 -11.65
C GLU A 226 2.87 10.08 -10.66
N ARG A 227 3.26 10.94 -9.73
CA ARG A 227 4.28 10.52 -8.72
C ARG A 227 3.72 9.36 -7.89
N ALA A 228 2.48 9.46 -7.46
CA ALA A 228 1.87 8.38 -6.67
C ALA A 228 1.77 7.11 -7.52
N ILE A 229 1.33 7.23 -8.76
CA ILE A 229 1.22 6.01 -9.61
C ILE A 229 2.61 5.42 -9.84
N MET A 230 3.61 6.23 -10.15
CA MET A 230 4.98 5.71 -10.37
C MET A 230 5.46 4.98 -9.11
N THR A 231 5.16 5.55 -7.95
CA THR A 231 5.59 4.96 -6.67
C THR A 231 5.01 3.55 -6.58
N TYR A 232 3.71 3.42 -6.78
CA TYR A 232 3.05 2.10 -6.64
C TYR A 232 3.58 1.14 -7.72
N VAL A 233 3.63 1.60 -8.96
CA VAL A 233 4.09 0.74 -10.07
C VAL A 233 5.53 0.28 -9.82
N SER A 234 6.38 1.13 -9.24
CA SER A 234 7.78 0.73 -8.94
C SER A 234 7.81 -0.49 -8.03
N CYS A 235 6.81 -0.65 -7.17
CA CYS A 235 6.76 -1.82 -6.26
C CYS A 235 6.55 -3.10 -7.07
N PHE A 236 5.76 -3.03 -8.14
CA PHE A 236 5.58 -4.20 -9.02
C PHE A 236 6.88 -4.52 -9.75
N TYR A 237 7.57 -3.49 -10.23
CA TYR A 237 8.87 -3.72 -10.87
C TYR A 237 9.77 -4.48 -9.91
N HIS A 238 9.90 -4.00 -8.67
CA HIS A 238 10.86 -4.63 -7.72
C HIS A 238 10.37 -6.04 -7.36
N ALA A 239 9.06 -6.25 -7.24
CA ALA A 239 8.52 -7.60 -6.92
C ALA A 239 8.85 -8.59 -8.05
N PHE A 240 8.84 -8.14 -9.30
CA PHE A 240 8.89 -9.04 -10.48
C PHE A 240 10.28 -9.06 -11.14
N ALA A 241 11.13 -8.07 -10.84
CA ALA A 241 12.50 -7.93 -11.41
C ALA A 241 13.25 -9.27 -11.35
N SER B 4 -23.04 -23.54 8.48
CA SER B 4 -22.36 -24.76 7.95
C SER B 4 -20.88 -24.77 8.39
N LEU B 5 -20.02 -25.48 7.66
CA LEU B 5 -18.54 -25.43 7.81
C LEU B 5 -18.06 -23.98 7.62
N GLU B 6 -18.71 -23.21 6.73
CA GLU B 6 -18.24 -21.89 6.24
C GLU B 6 -18.33 -20.84 7.35
N ILE B 7 -19.47 -20.72 8.05
CA ILE B 7 -19.66 -19.74 9.16
C ILE B 7 -18.68 -20.10 10.28
N GLU B 8 -18.55 -21.38 10.58
CA GLU B 8 -17.59 -21.91 11.59
C GLU B 8 -16.17 -21.58 11.14
N GLU B 9 -15.84 -21.81 9.87
CA GLU B 9 -14.49 -21.55 9.29
C GLU B 9 -14.16 -20.07 9.48
N LEU B 10 -15.12 -19.18 9.23
CA LEU B 10 -14.91 -17.72 9.37
C LEU B 10 -14.70 -17.35 10.84
N ALA B 11 -15.44 -17.95 11.77
CA ALA B 11 -15.29 -17.70 13.22
C ALA B 11 -13.89 -18.18 13.66
N ARG B 12 -13.45 -19.34 13.18
CA ARG B 12 -12.09 -19.86 13.48
C ARG B 12 -11.03 -18.93 12.90
N PHE B 13 -11.22 -18.46 11.67
CA PHE B 13 -10.35 -17.46 11.05
C PHE B 13 -10.28 -16.23 11.95
N ALA B 14 -11.43 -15.76 12.45
CA ALA B 14 -11.50 -14.56 13.30
C ALA B 14 -10.64 -14.77 14.56
N VAL B 15 -10.81 -15.90 15.21
CA VAL B 15 -10.04 -16.17 16.45
C VAL B 15 -8.55 -16.25 16.10
N ASP B 16 -8.18 -16.92 15.01
CA ASP B 16 -6.74 -17.06 14.64
C ASP B 16 -6.17 -15.69 14.31
N GLU B 17 -6.90 -14.85 13.58
CA GLU B 17 -6.45 -13.49 13.22
C GLU B 17 -6.32 -12.63 14.46
N HIS B 18 -7.28 -12.71 15.37
CA HIS B 18 -7.21 -11.99 16.66
C HIS B 18 -5.95 -12.45 17.41
N ASN B 19 -5.72 -13.76 17.46
CA ASN B 19 -4.58 -14.32 18.21
C ASN B 19 -3.26 -13.79 17.62
N LYS B 20 -3.17 -13.70 16.30
CA LYS B 20 -1.98 -13.15 15.62
C LYS B 20 -1.83 -11.65 15.91
N LYS B 21 -2.93 -10.89 15.81
CA LYS B 21 -2.90 -9.42 15.95
C LYS B 21 -2.59 -9.02 17.40
N GLU B 22 -3.13 -9.75 18.38
CA GLU B 22 -3.08 -9.37 19.82
C GLU B 22 -2.14 -10.28 20.61
N ASN B 23 -1.39 -11.14 19.91
CA ASN B 23 -0.42 -12.06 20.58
C ASN B 23 -1.18 -12.83 21.67
N ALA B 24 -2.31 -13.43 21.31
CA ALA B 24 -3.22 -14.11 22.25
C ALA B 24 -3.31 -15.59 21.90
N LEU B 25 -3.91 -16.34 22.81
CA LEU B 25 -4.01 -17.81 22.77
C LEU B 25 -5.46 -18.21 22.99
N LEU B 26 -6.42 -17.42 22.49
CA LEU B 26 -7.85 -17.79 22.60
C LEU B 26 -8.06 -19.10 21.85
N GLU B 27 -8.86 -20.00 22.42
CA GLU B 27 -9.22 -21.29 21.80
C GLU B 27 -10.68 -21.22 21.35
N PHE B 28 -10.93 -21.28 20.05
CA PHE B 28 -12.31 -21.29 19.49
C PHE B 28 -13.10 -22.44 20.12
N VAL B 29 -14.31 -22.14 20.60
CA VAL B 29 -15.26 -23.17 21.11
C VAL B 29 -16.33 -23.40 20.03
N ARG B 30 -17.11 -22.38 19.69
CA ARG B 30 -18.27 -22.51 18.78
C ARG B 30 -18.75 -21.15 18.32
N VAL B 31 -19.50 -21.14 17.22
CA VAL B 31 -20.31 -19.97 16.76
C VAL B 31 -21.62 -20.00 17.55
N VAL B 32 -21.98 -18.88 18.18
CA VAL B 32 -23.27 -18.69 18.89
C VAL B 32 -24.31 -18.27 17.84
N LYS B 33 -24.03 -17.20 17.09
CA LYS B 33 -24.92 -16.71 16.02
C LYS B 33 -24.12 -15.93 14.98
N ALA B 34 -24.74 -15.75 13.81
CA ALA B 34 -24.15 -15.07 12.64
C ALA B 34 -25.23 -14.20 12.00
N LYS B 35 -24.87 -12.97 11.65
CA LYS B 35 -25.68 -12.09 10.77
C LYS B 35 -24.82 -11.79 9.55
N GLU B 36 -25.45 -11.80 8.37
CA GLU B 36 -24.79 -11.58 7.05
C GLU B 36 -25.37 -10.31 6.42
N GLN B 37 -24.51 -9.48 5.85
CA GLN B 37 -24.90 -8.35 4.97
C GLN B 37 -24.24 -8.58 3.62
N HIS B 38 -24.99 -8.51 2.54
CA HIS B 38 -24.49 -8.85 1.19
C HIS B 38 -24.48 -7.58 0.34
N GLN B 39 -23.43 -7.44 -0.48
CA GLN B 39 -23.40 -6.43 -1.55
C GLN B 39 -22.93 -7.10 -2.83
N PHE B 40 -23.44 -6.60 -3.94
CA PHE B 40 -23.12 -7.09 -5.30
C PHE B 40 -22.77 -5.89 -6.14
N HIS B 41 -21.50 -5.80 -6.49
CA HIS B 41 -21.05 -4.75 -7.40
C HIS B 41 -20.99 -5.48 -8.73
N MET B 42 -20.49 -4.84 -9.76
N MET B 42 -20.29 -4.88 -9.69
CA MET B 42 -20.32 -5.51 -11.05
CA MET B 42 -20.13 -5.32 -11.08
C MET B 42 -19.65 -6.87 -10.77
C MET B 42 -19.53 -6.72 -11.19
N SER B 43 -18.33 -6.91 -10.65
CA SER B 43 -17.64 -8.22 -10.55
C SER B 43 -17.45 -8.61 -9.09
N TRP B 44 -17.17 -7.65 -8.22
CA TRP B 44 -16.99 -7.94 -6.79
C TRP B 44 -18.32 -8.28 -6.15
N THR B 45 -18.31 -9.31 -5.32
CA THR B 45 -19.43 -9.55 -4.40
C THR B 45 -18.83 -9.66 -3.01
N TRP B 46 -19.54 -9.11 -2.05
CA TRP B 46 -19.04 -8.93 -0.66
C TRP B 46 -20.07 -9.52 0.29
N THR B 47 -19.62 -10.21 1.32
CA THR B 47 -20.46 -10.49 2.51
C THR B 47 -19.73 -9.99 3.75
N MET B 48 -20.41 -9.19 4.57
CA MET B 48 -19.91 -8.78 5.90
C MET B 48 -20.59 -9.70 6.91
N TYR B 49 -19.79 -10.47 7.65
CA TYR B 49 -20.27 -11.42 8.68
C TYR B 49 -20.09 -10.75 10.05
N TYR B 50 -21.17 -10.71 10.80
CA TYR B 50 -21.21 -10.29 12.22
C TYR B 50 -21.36 -11.58 13.03
N LEU B 51 -20.24 -12.07 13.57
CA LEU B 51 -20.15 -13.39 14.23
C LEU B 51 -20.10 -13.19 15.73
N THR B 52 -21.04 -13.80 16.45
CA THR B 52 -20.95 -13.95 17.92
C THR B 52 -20.40 -15.34 18.18
N LEU B 53 -19.25 -15.42 18.85
CA LEU B 53 -18.57 -16.73 19.05
C LEU B 53 -18.12 -16.85 20.51
N GLU B 54 -17.98 -18.09 20.92
CA GLU B 54 -17.43 -18.45 22.25
C GLU B 54 -16.01 -18.95 22.04
N ALA B 55 -15.08 -18.45 22.87
CA ALA B 55 -13.66 -18.87 22.85
C ALA B 55 -13.16 -18.89 24.29
N LYS B 56 -12.20 -19.77 24.56
CA LYS B 56 -11.60 -19.93 25.91
C LYS B 56 -10.41 -18.96 26.03
N ASP B 57 -10.43 -18.13 27.08
CA ASP B 57 -9.35 -17.19 27.48
C ASP B 57 -8.71 -17.77 28.75
N GLY B 58 -7.63 -18.55 28.60
CA GLY B 58 -6.98 -19.30 29.68
C GLY B 58 -7.93 -20.33 30.28
N GLY B 59 -8.72 -21.01 29.44
CA GLY B 59 -9.66 -22.07 29.85
C GLY B 59 -11.04 -21.53 30.20
N LYS B 60 -11.20 -20.21 30.38
CA LYS B 60 -12.47 -19.54 30.75
C LYS B 60 -13.24 -19.19 29.48
N LYS B 61 -14.42 -19.77 29.29
CA LYS B 61 -15.28 -19.53 28.10
C LYS B 61 -15.81 -18.09 28.15
N LYS B 62 -15.63 -17.33 27.08
CA LYS B 62 -16.08 -15.91 26.97
C LYS B 62 -16.73 -15.69 25.60
N LEU B 63 -17.61 -14.70 25.51
CA LEU B 63 -18.29 -14.32 24.25
C LEU B 63 -17.54 -13.17 23.59
N TYR B 64 -17.42 -13.24 22.27
CA TYR B 64 -16.78 -12.20 21.43
C TYR B 64 -17.67 -11.98 20.21
N GLU B 65 -17.69 -10.74 19.73
CA GLU B 65 -18.26 -10.39 18.41
C GLU B 65 -17.09 -10.14 17.47
N ALA B 66 -17.10 -10.80 16.31
CA ALA B 66 -16.10 -10.61 15.24
C ALA B 66 -16.83 -10.11 14.01
N LYS B 67 -16.23 -9.14 13.32
CA LYS B 67 -16.71 -8.61 12.04
C LYS B 67 -15.73 -9.12 10.98
N VAL B 68 -16.18 -9.96 10.04
CA VAL B 68 -15.31 -10.59 9.01
C VAL B 68 -15.86 -10.22 7.64
N TRP B 69 -15.01 -9.63 6.82
CA TRP B 69 -15.38 -9.16 5.47
C TRP B 69 -14.86 -10.19 4.47
N VAL B 70 -15.74 -10.76 3.65
CA VAL B 70 -15.37 -11.80 2.65
C VAL B 70 -15.70 -11.24 1.28
N LYS B 71 -14.70 -11.10 0.45
CA LYS B 71 -14.79 -10.44 -0.86
C LYS B 71 -14.41 -11.43 -1.95
N HIS B 72 -15.26 -11.56 -2.94
CA HIS B 72 -15.08 -12.50 -4.06
C HIS B 72 -14.95 -11.71 -5.36
N HIS B 73 -14.04 -12.14 -6.20
CA HIS B 73 -13.95 -11.62 -7.59
C HIS B 73 -13.69 -12.80 -8.50
N PRO B 74 -14.43 -12.94 -9.62
CA PRO B 74 -14.25 -14.10 -10.49
C PRO B 74 -12.87 -14.18 -11.17
N ALA B 75 -12.13 -13.08 -11.24
CA ALA B 75 -10.78 -13.09 -11.85
C ALA B 75 -9.74 -13.55 -10.83
N TYR B 76 -10.07 -13.59 -9.55
CA TYR B 76 -9.11 -14.04 -8.53
C TYR B 76 -9.15 -15.55 -8.43
N ILE B 77 -8.03 -16.22 -8.72
CA ILE B 77 -8.02 -17.70 -8.80
C ILE B 77 -7.02 -18.33 -7.82
N ALA B 78 -6.27 -17.57 -7.04
CA ALA B 78 -5.24 -18.13 -6.13
C ALA B 78 -5.89 -18.70 -4.87
N ASP B 79 -7.08 -18.25 -4.54
CA ASP B 79 -7.79 -18.68 -3.31
C ASP B 79 -9.26 -18.52 -3.59
N ILE B 80 -10.11 -18.95 -2.68
CA ILE B 80 -11.57 -18.88 -2.87
C ILE B 80 -12.01 -17.42 -2.85
N ASN B 81 -11.42 -16.63 -1.97
CA ASN B 81 -11.85 -15.23 -1.77
C ASN B 81 -10.78 -14.54 -0.95
N PHE B 82 -11.04 -13.28 -0.65
CA PHE B 82 -10.25 -12.46 0.26
C PHE B 82 -11.06 -12.32 1.54
N LYS B 83 -10.42 -12.58 2.69
CA LYS B 83 -11.06 -12.49 4.01
C LYS B 83 -10.28 -11.52 4.88
N GLU B 84 -10.98 -10.66 5.62
CA GLU B 84 -10.36 -9.66 6.52
C GLU B 84 -11.12 -9.64 7.84
N LEU B 85 -10.41 -9.80 8.96
CA LEU B 85 -10.99 -9.49 10.29
C LEU B 85 -10.99 -7.96 10.48
N GLN B 86 -12.17 -7.36 10.61
CA GLN B 86 -12.30 -5.89 10.78
C GLN B 86 -12.38 -5.51 12.26
N GLU B 87 -13.04 -6.34 13.06
CA GLU B 87 -13.30 -6.04 14.48
C GLU B 87 -13.36 -7.36 15.25
N PHE B 88 -12.88 -7.36 16.49
CA PHE B 88 -12.96 -8.51 17.40
C PHE B 88 -12.96 -7.95 18.82
N LYS B 89 -14.07 -8.13 19.53
CA LYS B 89 -14.28 -7.51 20.86
C LYS B 89 -15.05 -8.46 21.76
N PRO B 90 -14.78 -8.48 23.08
CA PRO B 90 -15.66 -9.19 24.02
C PRO B 90 -17.06 -8.55 24.05
N VAL B 91 -18.11 -9.35 24.24
CA VAL B 91 -19.51 -8.86 24.42
C VAL B 91 -20.17 -9.59 25.60
#